data_4U1B
#
_entry.id   4U1B
#
_cell.length_a   47.026
_cell.length_b   76.929
_cell.length_c   47.170
_cell.angle_alpha   90.00
_cell.angle_beta   92.39
_cell.angle_gamma   90.00
#
_symmetry.space_group_name_H-M   'P 1 21 1'
#
loop_
_entity.id
_entity.type
_entity.pdbx_description
1 polymer 'Methionine aminopeptidase 1'
2 non-polymer 'COBALT (II) ION'
3 non-polymer GLYCEROL
4 non-polymer '[(1R)-1-amino-2-propylpentyl]phosphonic acid'
5 water water
#
_entity_poly.entity_id   1
_entity_poly.type   'polypeptide(L)'
_entity_poly.pdbx_seq_one_letter_code
;YRYTGKLRPHYPLMPTRPVPSYIQRPDYADHPLGMSESEQALKGTSQIKLLSSEDIEGMRLVCRLAREVLDVAAGMIKPG
VTTEEIDHAVHLACIARNCYPSPLNYYNFPKSCCTSVNEVICHGIPDRRPLQEGDIVNVDITLYRNGYHGDLNETFFVGE
VDDGARKLVQTTYECLMQAIDAVKPGVRYRELGNIIQKHAQANGFSVVRSYCGHGIHKLFHTAPNVPHYAKNKAVGVMKS
GHVFTIEPMICEGGWQDETWPDGWTAVTRDGKRSAQFEHTLLVTDTGCEILTRRLDSARPHFMSQF
;
_entity_poly.pdbx_strand_id   A
#
loop_
_chem_comp.id
_chem_comp.type
_chem_comp.name
_chem_comp.formula
CO non-polymer 'COBALT (II) ION' 'Co 2'
GOL non-polymer GLYCEROL 'C3 H8 O3'
Q08 non-polymer '[(1R)-1-amino-2-propylpentyl]phosphonic acid' 'C8 H20 N O3 P'
#
# COMPACT_ATOMS: atom_id res chain seq x y z
N TYR A 1 -1.80 2.48 27.11
CA TYR A 1 -1.15 2.97 25.86
C TYR A 1 -1.43 4.45 25.65
N ARG A 2 -0.38 5.21 25.40
CA ARG A 2 -0.55 6.64 25.13
C ARG A 2 -0.53 6.90 23.60
N TYR A 3 -1.67 7.35 23.09
CA TYR A 3 -1.87 7.66 21.67
C TYR A 3 -1.01 8.82 21.30
N THR A 4 -0.54 8.84 20.07
CA THR A 4 0.47 9.82 19.68
C THR A 4 -0.20 11.07 19.17
N GLY A 5 -1.48 10.96 18.90
CA GLY A 5 -2.22 11.99 18.24
C GLY A 5 -3.63 12.04 18.75
N LYS A 6 -4.48 12.70 17.99
CA LYS A 6 -5.90 12.76 18.28
C LYS A 6 -6.76 11.56 17.87
N LEU A 7 -6.25 10.80 16.91
CA LEU A 7 -6.98 9.64 16.45
C LEU A 7 -7.08 8.58 17.50
N ARG A 8 -8.23 7.90 17.57
CA ARG A 8 -8.37 6.73 18.41
C ARG A 8 -9.08 5.67 17.58
N PRO A 9 -8.93 4.41 17.98
CA PRO A 9 -9.74 3.33 17.33
C PRO A 9 -11.22 3.46 17.75
N HIS A 10 -12.11 3.14 16.84
CA HIS A 10 -13.56 3.18 17.07
C HIS A 10 -14.10 1.76 16.87
N TYR A 11 -14.09 1.02 17.96
CA TYR A 11 -14.65 -0.31 18.12
C TYR A 11 -16.12 -0.29 18.66
N PRO A 12 -16.75 -1.43 18.65
CA PRO A 12 -16.22 -2.68 18.13
C PRO A 12 -16.30 -2.71 16.61
N LEU A 13 -15.63 -3.67 16.03
CA LEU A 13 -15.72 -3.87 14.61
C LEU A 13 -16.87 -4.78 14.29
N MET A 14 -17.43 -4.62 13.10
CA MET A 14 -18.39 -5.59 12.55
C MET A 14 -17.71 -6.94 12.44
N PRO A 15 -18.49 -8.05 12.57
CA PRO A 15 -17.92 -9.38 12.46
C PRO A 15 -17.19 -9.57 11.11
N THR A 16 -16.21 -10.48 11.12
CA THR A 16 -15.41 -10.76 9.99
C THR A 16 -16.31 -10.99 8.79
N ARG A 17 -16.01 -10.33 7.69
CA ARG A 17 -16.82 -10.49 6.49
C ARG A 17 -16.39 -11.81 5.78
N PRO A 18 -17.37 -12.67 5.40
CA PRO A 18 -16.93 -13.93 4.77
C PRO A 18 -16.68 -13.70 3.25
N VAL A 19 -15.78 -14.49 2.71
CA VAL A 19 -15.55 -14.54 1.28
C VAL A 19 -16.15 -15.92 0.80
N PRO A 20 -17.08 -15.89 -0.16
CA PRO A 20 -17.69 -17.17 -0.66
C PRO A 20 -16.61 -18.16 -1.06
N SER A 21 -16.83 -19.43 -0.80
CA SER A 21 -15.83 -20.42 -1.04
C SER A 21 -15.42 -20.59 -2.46
N TYR A 22 -16.18 -20.11 -3.43
CA TYR A 22 -15.78 -20.23 -4.86
C TYR A 22 -14.62 -19.33 -5.23
N ILE A 23 -14.38 -18.28 -4.43
CA ILE A 23 -13.13 -17.47 -4.55
C ILE A 23 -11.89 -18.21 -4.12
N GLN A 24 -10.89 -18.32 -5.01
CA GLN A 24 -9.67 -18.96 -4.70
C GLN A 24 -8.95 -18.18 -3.61
N ARG A 25 -8.41 -18.92 -2.63
CA ARG A 25 -7.86 -18.33 -1.43
C ARG A 25 -6.35 -18.50 -1.39
N PRO A 26 -5.60 -17.46 -0.91
CA PRO A 26 -4.18 -17.71 -0.72
C PRO A 26 -3.97 -18.64 0.51
N ASP A 27 -2.76 -19.19 0.62
CA ASP A 27 -2.46 -20.19 1.70
C ASP A 27 -2.73 -19.71 3.14
N TYR A 28 -2.49 -18.43 3.44
CA TYR A 28 -2.66 -17.92 4.77
C TYR A 28 -4.11 -17.67 5.16
N ALA A 29 -5.00 -17.66 4.16
CA ALA A 29 -6.41 -17.37 4.38
C ALA A 29 -7.02 -18.24 5.48
N ASP A 30 -6.59 -19.48 5.55
CA ASP A 30 -7.12 -20.41 6.55
C ASP A 30 -6.12 -20.93 7.53
N HIS A 31 -4.96 -20.30 7.62
CA HIS A 31 -4.05 -20.61 8.67
C HIS A 31 -4.52 -19.83 9.90
N PRO A 32 -4.39 -20.43 11.10
CA PRO A 32 -5.03 -19.80 12.25
C PRO A 32 -4.38 -18.48 12.71
N LEU A 33 -3.09 -18.30 12.51
CA LEU A 33 -2.37 -17.05 12.75
C LEU A 33 -2.16 -16.27 11.49
N GLY A 34 -2.78 -16.71 10.42
CA GLY A 34 -2.70 -16.02 9.10
C GLY A 34 -1.29 -16.03 8.58
N MET A 35 -0.50 -17.06 8.92
CA MET A 35 0.83 -17.15 8.33
C MET A 35 0.81 -17.84 6.98
N SER A 36 1.72 -17.39 6.11
CA SER A 36 1.77 -17.83 4.74
C SER A 36 2.95 -18.81 4.58
N GLU A 37 2.62 -20.06 4.40
CA GLU A 37 3.66 -21.11 4.29
C GLU A 37 4.60 -20.82 3.11
N SER A 38 4.02 -20.45 1.97
CA SER A 38 4.86 -20.09 0.84
C SER A 38 5.80 -18.93 1.20
N GLU A 39 5.35 -17.92 1.98
CA GLU A 39 6.31 -16.88 2.43
C GLU A 39 7.28 -17.46 3.48
N GLN A 40 6.81 -18.28 4.39
CA GLN A 40 7.67 -18.77 5.45
C GLN A 40 8.87 -19.50 4.76
N ALA A 41 8.54 -20.34 3.77
CA ALA A 41 9.51 -21.20 3.04
C ALA A 41 10.60 -20.39 2.37
N LEU A 42 10.28 -19.18 1.96
CA LEU A 42 11.25 -18.30 1.32
C LEU A 42 11.76 -17.16 2.17
N LYS A 43 11.35 -17.11 3.44
CA LYS A 43 11.80 -16.00 4.28
C LYS A 43 13.31 -15.91 4.35
N GLY A 44 13.84 -14.68 4.30
CA GLY A 44 15.28 -14.44 4.26
C GLY A 44 15.98 -14.51 2.89
N THR A 45 15.28 -14.91 1.84
CA THR A 45 15.88 -15.01 0.51
C THR A 45 16.13 -13.63 -0.07
N SER A 46 17.18 -13.55 -0.89
CA SER A 46 17.60 -12.36 -1.64
C SER A 46 17.35 -12.48 -3.13
N GLN A 47 17.20 -13.73 -3.57
CA GLN A 47 16.83 -14.12 -4.92
C GLN A 47 15.48 -13.52 -5.32
N ILE A 48 15.46 -12.94 -6.53
CA ILE A 48 14.28 -12.26 -7.09
C ILE A 48 13.75 -13.09 -8.24
N LYS A 49 12.49 -13.47 -8.19
CA LYS A 49 11.88 -14.10 -9.31
C LYS A 49 11.97 -13.32 -10.60
N LEU A 50 12.27 -14.07 -11.68
CA LEU A 50 12.09 -13.57 -13.03
C LEU A 50 10.79 -14.14 -13.53
N LEU A 51 9.81 -13.26 -13.76
CA LEU A 51 8.49 -13.74 -14.09
C LEU A 51 8.42 -14.29 -15.52
N SER A 52 7.70 -15.39 -15.70
CA SER A 52 7.44 -15.89 -17.05
C SER A 52 6.37 -15.03 -17.67
N SER A 53 6.21 -15.17 -18.99
CA SER A 53 5.06 -14.62 -19.70
C SER A 53 3.70 -14.92 -19.10
N GLU A 54 3.41 -16.15 -18.67
CA GLU A 54 2.12 -16.35 -18.05
C GLU A 54 2.02 -15.58 -16.68
N ASP A 55 3.12 -15.49 -15.96
CA ASP A 55 3.15 -14.75 -14.68
C ASP A 55 2.78 -13.31 -14.95
N ILE A 56 3.37 -12.77 -16.00
CA ILE A 56 3.19 -11.33 -16.32
C ILE A 56 1.75 -11.07 -16.64
N GLU A 57 1.20 -11.95 -17.44
CA GLU A 57 -0.20 -11.91 -17.69
C GLU A 57 -1.06 -11.92 -16.41
N GLY A 58 -0.81 -12.84 -15.48
CA GLY A 58 -1.59 -12.94 -14.23
C GLY A 58 -1.40 -11.66 -13.35
N MET A 59 -0.23 -11.08 -13.45
CA MET A 59 0.08 -9.86 -12.66
C MET A 59 -0.63 -8.63 -13.29
N ARG A 60 -0.67 -8.53 -14.61
CA ARG A 60 -1.40 -7.51 -15.28
C ARG A 60 -2.84 -7.55 -14.96
N LEU A 61 -3.41 -8.75 -14.94
CA LEU A 61 -4.81 -8.89 -14.67
C LEU A 61 -5.13 -8.45 -13.24
N VAL A 62 -4.43 -9.04 -12.27
CA VAL A 62 -4.81 -8.80 -10.85
C VAL A 62 -4.51 -7.35 -10.51
N CYS A 63 -3.44 -6.83 -11.04
CA CYS A 63 -3.19 -5.35 -10.82
C CYS A 63 -4.19 -4.40 -11.45
N ARG A 64 -4.75 -4.76 -12.64
CA ARG A 64 -5.84 -3.96 -13.19
C ARG A 64 -7.10 -4.04 -12.30
N LEU A 65 -7.39 -5.23 -11.79
CA LEU A 65 -8.59 -5.38 -10.96
C LEU A 65 -8.45 -4.60 -9.63
N ALA A 66 -7.27 -4.69 -9.07
CA ALA A 66 -6.91 -3.98 -7.86
C ALA A 66 -7.13 -2.51 -8.12
N ARG A 67 -6.67 -1.98 -9.25
CA ARG A 67 -6.91 -0.59 -9.53
C ARG A 67 -8.42 -0.26 -9.54
N GLU A 68 -9.22 -1.13 -10.16
CA GLU A 68 -10.63 -0.91 -10.23
C GLU A 68 -11.24 -0.79 -8.84
N VAL A 69 -10.75 -1.61 -7.93
CA VAL A 69 -11.24 -1.60 -6.55
C VAL A 69 -10.79 -0.36 -5.82
N LEU A 70 -9.57 0.07 -6.03
CA LEU A 70 -9.14 1.30 -5.36
CA LEU A 70 -9.15 1.33 -5.41
C LEU A 70 -10.06 2.46 -5.85
N ASP A 71 -10.38 2.42 -7.13
CA ASP A 71 -11.17 3.47 -7.76
C ASP A 71 -12.58 3.49 -7.17
N VAL A 72 -13.10 2.33 -6.73
CA VAL A 72 -14.36 2.27 -6.05
C VAL A 72 -14.28 2.99 -4.72
N ALA A 73 -13.22 2.72 -3.96
CA ALA A 73 -12.99 3.35 -2.67
C ALA A 73 -12.80 4.88 -2.76
N ALA A 74 -12.05 5.31 -3.75
CA ALA A 74 -11.82 6.71 -3.98
C ALA A 74 -13.17 7.49 -4.12
N GLY A 75 -14.10 6.88 -4.83
CA GLY A 75 -15.42 7.48 -5.13
C GLY A 75 -16.30 7.60 -3.92
N MET A 76 -15.89 6.99 -2.81
CA MET A 76 -16.65 7.06 -1.56
C MET A 76 -16.10 7.99 -0.52
N ILE A 77 -14.95 8.56 -0.76
CA ILE A 77 -14.30 9.36 0.25
C ILE A 77 -15.07 10.68 0.37
N LYS A 78 -15.56 10.95 1.56
CA LYS A 78 -16.17 12.23 1.89
C LYS A 78 -16.48 12.29 3.40
N PRO A 79 -16.63 13.52 3.94
CA PRO A 79 -16.94 13.61 5.34
C PRO A 79 -18.11 12.80 5.65
N GLY A 80 -18.02 12.12 6.78
CA GLY A 80 -19.12 11.33 7.27
C GLY A 80 -19.08 9.87 7.03
N VAL A 81 -18.35 9.43 6.01
CA VAL A 81 -18.30 7.98 5.63
C VAL A 81 -17.30 7.26 6.58
N THR A 82 -17.62 6.10 7.12
CA THR A 82 -16.64 5.48 8.08
C THR A 82 -15.65 4.65 7.23
N THR A 83 -14.49 4.41 7.81
CA THR A 83 -13.52 3.58 7.10
C THR A 83 -14.06 2.15 7.00
N GLU A 84 -14.84 1.71 7.98
CA GLU A 84 -15.45 0.44 7.92
C GLU A 84 -16.40 0.31 6.73
N GLU A 85 -17.13 1.38 6.41
CA GLU A 85 -18.02 1.41 5.27
C GLU A 85 -17.24 1.28 3.95
N ILE A 86 -16.15 1.99 3.85
CA ILE A 86 -15.22 1.81 2.70
C ILE A 86 -14.74 0.35 2.56
N ASP A 87 -14.36 -0.25 3.69
CA ASP A 87 -13.85 -1.61 3.65
C ASP A 87 -14.96 -2.58 3.20
N HIS A 88 -16.18 -2.33 3.64
CA HIS A 88 -17.28 -3.19 3.20
C HIS A 88 -17.40 -3.17 1.65
N ALA A 89 -17.39 -1.96 1.10
CA ALA A 89 -17.52 -1.77 -0.33
C ALA A 89 -16.38 -2.44 -1.07
N VAL A 90 -15.19 -2.25 -0.51
CA VAL A 90 -14.02 -2.84 -1.10
C VAL A 90 -14.13 -4.37 -1.09
N HIS A 91 -14.57 -4.93 0.03
CA HIS A 91 -14.68 -6.36 0.15
C HIS A 91 -15.63 -6.93 -0.89
N LEU A 92 -16.76 -6.27 -1.04
CA LEU A 92 -17.75 -6.64 -2.09
C LEU A 92 -17.20 -6.48 -3.49
N ALA A 93 -16.50 -5.38 -3.72
CA ALA A 93 -15.82 -5.15 -5.02
C ALA A 93 -14.75 -6.19 -5.39
N CYS A 94 -13.93 -6.65 -4.42
CA CYS A 94 -13.03 -7.79 -4.67
C CYS A 94 -13.83 -9.02 -5.13
N ILE A 95 -14.87 -9.34 -4.37
CA ILE A 95 -15.60 -10.61 -4.58
C ILE A 95 -16.27 -10.53 -5.97
N ALA A 96 -16.79 -9.35 -6.28
CA ALA A 96 -17.43 -9.09 -7.53
C ALA A 96 -16.52 -9.24 -8.72
N ARG A 97 -15.20 -9.12 -8.53
CA ARG A 97 -14.17 -9.38 -9.53
C ARG A 97 -13.51 -10.72 -9.40
N ASN A 98 -14.11 -11.62 -8.64
CA ASN A 98 -13.55 -12.99 -8.48
C ASN A 98 -12.17 -13.02 -7.89
N CYS A 99 -12.00 -12.09 -6.95
CA CYS A 99 -10.74 -12.00 -6.27
C CYS A 99 -10.89 -12.12 -4.74
N TYR A 100 -9.85 -12.62 -4.11
CA TYR A 100 -9.77 -12.63 -2.65
C TYR A 100 -9.12 -11.27 -2.18
N PRO A 101 -9.66 -10.69 -1.10
CA PRO A 101 -8.99 -9.48 -0.54
C PRO A 101 -7.76 -9.87 0.23
N SER A 102 -6.57 -9.77 -0.38
CA SER A 102 -5.30 -10.26 0.21
C SER A 102 -5.06 -9.90 1.67
N PRO A 103 -5.52 -8.70 2.13
CA PRO A 103 -5.22 -8.33 3.51
C PRO A 103 -5.94 -9.21 4.51
N LEU A 104 -7.07 -9.76 4.10
CA LEU A 104 -7.94 -10.40 5.01
C LEU A 104 -7.31 -11.69 5.57
N ASN A 105 -7.18 -11.69 6.89
CA ASN A 105 -6.38 -12.69 7.63
C ASN A 105 -4.91 -12.87 7.23
N TYR A 106 -4.34 -11.89 6.55
CA TYR A 106 -2.90 -11.86 6.39
C TYR A 106 -2.24 -11.59 7.76
N TYR A 107 -1.59 -12.65 8.33
CA TYR A 107 -1.05 -12.54 9.70
C TYR A 107 -2.14 -11.96 10.62
N ASN A 108 -3.34 -12.46 10.41
CA ASN A 108 -4.52 -12.20 11.25
C ASN A 108 -5.02 -10.74 11.13
N PHE A 109 -4.57 -10.00 10.12
CA PHE A 109 -5.25 -8.68 9.84
C PHE A 109 -6.74 -8.90 9.68
N PRO A 110 -7.58 -8.09 10.31
CA PRO A 110 -9.04 -8.45 10.46
C PRO A 110 -9.93 -7.96 9.32
N LYS A 111 -9.41 -7.14 8.38
CA LYS A 111 -10.24 -6.40 7.40
C LYS A 111 -9.70 -6.70 6.00
N SER A 112 -10.33 -6.12 4.99
CA SER A 112 -10.02 -6.44 3.61
C SER A 112 -9.23 -5.38 2.84
N CYS A 113 -8.87 -4.33 3.56
CA CYS A 113 -8.02 -3.29 3.07
C CYS A 113 -7.50 -2.51 4.30
N CYS A 114 -6.49 -1.63 4.07
CA CYS A 114 -5.97 -0.79 5.13
C CYS A 114 -6.41 0.69 4.86
N THR A 115 -6.93 1.32 5.89
CA THR A 115 -7.34 2.71 5.83
C THR A 115 -6.52 3.49 6.89
N SER A 116 -5.73 4.46 6.44
CA SER A 116 -4.72 5.13 7.30
C SER A 116 -5.08 6.60 7.26
N VAL A 117 -5.55 7.09 8.40
CA VAL A 117 -5.99 8.50 8.55
C VAL A 117 -4.90 9.35 9.25
N ASN A 118 -4.60 10.52 8.70
CA ASN A 118 -3.71 11.54 9.31
C ASN A 118 -2.37 10.99 9.80
N GLU A 119 -2.22 10.76 11.08
CA GLU A 119 -0.97 10.33 11.69
C GLU A 119 -0.72 8.86 11.53
N VAL A 120 -1.69 8.12 11.02
CA VAL A 120 -1.42 6.72 10.64
C VAL A 120 -0.61 6.73 9.38
N ILE A 121 0.53 6.09 9.52
CA ILE A 121 1.46 5.89 8.46
C ILE A 121 0.95 4.84 7.47
N CYS A 122 0.61 3.70 8.01
CA CYS A 122 0.12 2.60 7.18
C CYS A 122 -0.52 1.55 8.05
N HIS A 123 -1.24 0.63 7.39
CA HIS A 123 -1.84 -0.51 8.05
C HIS A 123 -2.93 -0.22 9.01
N GLY A 124 -3.61 0.89 8.84
CA GLY A 124 -4.76 1.17 9.70
C GLY A 124 -5.94 0.27 9.46
N ILE A 125 -6.65 -0.06 10.53
CA ILE A 125 -7.76 -1.03 10.44
C ILE A 125 -9.07 -0.30 10.30
N PRO A 126 -9.82 -0.59 9.26
CA PRO A 126 -11.08 0.10 9.02
C PRO A 126 -11.97 -0.09 10.22
N ASP A 127 -12.58 1.02 10.67
CA ASP A 127 -13.32 0.99 11.96
C ASP A 127 -14.52 1.96 11.90
N ARG A 128 -15.14 2.25 13.04
CA ARG A 128 -16.39 2.98 13.02
C ARG A 128 -16.25 4.51 12.94
N ARG A 129 -15.04 5.04 12.83
CA ARG A 129 -14.86 6.50 12.84
C ARG A 129 -15.29 7.07 11.51
N PRO A 130 -16.21 8.04 11.54
CA PRO A 130 -16.51 8.73 10.30
C PRO A 130 -15.38 9.65 9.94
N LEU A 131 -15.05 9.70 8.64
CA LEU A 131 -14.07 10.62 8.16
C LEU A 131 -14.56 12.06 8.42
N GLN A 132 -13.64 12.93 8.79
CA GLN A 132 -13.89 14.29 9.11
C GLN A 132 -13.26 15.24 8.07
N GLU A 133 -13.95 16.33 7.83
CA GLU A 133 -13.42 17.38 7.00
C GLU A 133 -12.04 17.74 7.46
N GLY A 134 -11.17 17.88 6.48
CA GLY A 134 -9.77 18.17 6.71
C GLY A 134 -8.88 16.94 6.90
N ASP A 135 -9.48 15.76 7.04
CA ASP A 135 -8.60 14.54 7.18
C ASP A 135 -7.93 14.24 5.81
N ILE A 136 -6.82 13.49 5.87
CA ILE A 136 -6.23 12.79 4.73
C ILE A 136 -6.37 11.30 5.11
N VAL A 137 -6.74 10.53 4.09
CA VAL A 137 -6.93 9.10 4.27
C VAL A 137 -6.32 8.34 3.07
N ASN A 138 -5.48 7.35 3.42
CA ASN A 138 -4.94 6.45 2.46
C ASN A 138 -5.73 5.13 2.48
N VAL A 139 -6.09 4.65 1.32
CA VAL A 139 -6.64 3.32 1.20
C VAL A 139 -5.68 2.45 0.41
N ASP A 140 -5.33 1.32 1.02
CA ASP A 140 -4.34 0.38 0.47
C ASP A 140 -5.08 -0.97 0.16
N ILE A 141 -5.04 -1.31 -1.09
CA ILE A 141 -5.79 -2.38 -1.69
C ILE A 141 -4.81 -3.43 -2.10
N THR A 142 -5.10 -4.71 -1.81
CA THR A 142 -4.40 -5.78 -2.53
C THR A 142 -5.43 -6.88 -2.82
N LEU A 143 -5.38 -7.42 -4.05
CA LEU A 143 -6.27 -8.47 -4.46
C LEU A 143 -5.44 -9.67 -4.81
N TYR A 144 -6.10 -10.83 -4.78
CA TYR A 144 -5.47 -12.12 -5.10
C TYR A 144 -6.39 -12.85 -6.09
N ARG A 145 -5.79 -13.19 -7.22
CA ARG A 145 -6.47 -13.84 -8.29
C ARG A 145 -5.54 -14.83 -8.98
N ASN A 146 -6.02 -16.07 -9.08
CA ASN A 146 -5.30 -17.09 -9.81
C ASN A 146 -3.85 -17.29 -9.41
N GLY A 147 -3.57 -17.22 -8.11
CA GLY A 147 -2.21 -17.35 -7.58
C GLY A 147 -1.35 -16.07 -7.54
N TYR A 148 -1.94 -14.90 -7.89
CA TYR A 148 -1.15 -13.64 -7.97
C TYR A 148 -1.74 -12.52 -7.15
N HIS A 149 -0.87 -11.72 -6.52
CA HIS A 149 -1.31 -10.56 -5.75
C HIS A 149 -0.96 -9.25 -6.53
N GLY A 150 -1.81 -8.23 -6.36
CA GLY A 150 -1.63 -6.90 -6.94
C GLY A 150 -1.95 -5.83 -5.90
N ASP A 151 -1.02 -4.89 -5.70
CA ASP A 151 -1.00 -4.02 -4.49
C ASP A 151 -0.83 -2.56 -4.89
N LEU A 152 -1.74 -1.67 -4.44
CA LEU A 152 -1.61 -0.23 -4.68
C LEU A 152 -2.31 0.54 -3.57
N ASN A 153 -1.92 1.80 -3.42
CA ASN A 153 -2.60 2.67 -2.49
C ASN A 153 -2.49 4.12 -2.98
N GLU A 154 -3.40 4.91 -2.48
CA GLU A 154 -3.39 6.34 -2.76
C GLU A 154 -3.82 7.04 -1.48
N THR A 155 -3.30 8.27 -1.28
CA THR A 155 -3.82 9.14 -0.25
C THR A 155 -4.88 10.09 -0.90
N PHE A 156 -5.96 10.31 -0.17
CA PHE A 156 -7.12 11.16 -0.55
C PHE A 156 -7.38 12.29 0.44
N PHE A 157 -8.06 13.32 -0.06
CA PHE A 157 -8.44 14.48 0.74
C PHE A 157 -9.87 14.26 1.14
N VAL A 158 -10.23 14.56 2.39
CA VAL A 158 -11.60 14.49 2.82
C VAL A 158 -12.07 15.97 2.90
N GLY A 159 -12.91 16.37 1.95
CA GLY A 159 -13.38 17.79 1.88
C GLY A 159 -12.20 18.72 1.75
N GLU A 160 -12.30 19.91 2.29
CA GLU A 160 -11.21 20.90 2.25
C GLU A 160 -10.18 20.57 3.26
N VAL A 161 -8.92 20.49 2.83
CA VAL A 161 -7.83 20.22 3.74
C VAL A 161 -6.95 21.44 3.78
N ASP A 162 -6.02 21.51 4.70
CA ASP A 162 -5.15 22.70 4.78
C ASP A 162 -3.96 22.66 3.83
N ASP A 163 -3.29 23.80 3.68
CA ASP A 163 -2.10 23.87 2.88
C ASP A 163 -1.01 22.88 3.21
N GLY A 164 -0.82 22.55 4.47
CA GLY A 164 0.22 21.54 4.80
C GLY A 164 -0.20 20.13 4.31
N ALA A 165 -1.47 19.81 4.35
CA ALA A 165 -1.95 18.51 3.87
C ALA A 165 -1.76 18.41 2.36
N ARG A 166 -2.09 19.50 1.64
CA ARG A 166 -1.84 19.57 0.19
C ARG A 166 -0.39 19.35 -0.20
N LYS A 167 0.50 20.02 0.51
CA LYS A 167 1.88 19.93 0.22
C LYS A 167 2.43 18.55 0.56
N LEU A 168 1.98 18.00 1.68
CA LEU A 168 2.47 16.69 2.09
C LEU A 168 2.08 15.62 1.01
N VAL A 169 0.84 15.65 0.58
CA VAL A 169 0.31 14.62 -0.33
C VAL A 169 0.90 14.84 -1.71
N GLN A 170 0.91 16.09 -2.18
CA GLN A 170 1.61 16.36 -3.45
C GLN A 170 3.06 15.90 -3.40
N THR A 171 3.81 16.31 -2.41
CA THR A 171 5.21 15.91 -2.36
C THR A 171 5.39 14.37 -2.34
N THR A 172 4.50 13.69 -1.59
CA THR A 172 4.56 12.20 -1.51
C THR A 172 4.37 11.57 -2.91
N TYR A 173 3.39 12.10 -3.67
CA TYR A 173 3.11 11.61 -5.00
C TYR A 173 4.28 11.87 -5.92
N GLU A 174 4.88 13.05 -5.79
CA GLU A 174 6.09 13.38 -6.53
C GLU A 174 7.22 12.46 -6.23
N CYS A 175 7.46 12.19 -4.95
CA CYS A 175 8.44 11.19 -4.58
C CYS A 175 8.27 9.83 -5.20
N LEU A 176 7.05 9.38 -5.21
CA LEU A 176 6.72 8.14 -5.87
C LEU A 176 7.06 8.21 -7.38
N MET A 177 6.59 9.25 -8.07
CA MET A 177 6.75 9.28 -9.53
C MET A 177 8.23 9.45 -9.94
N GLN A 178 8.99 10.19 -9.15
CA GLN A 178 10.43 10.29 -9.35
C GLN A 178 11.15 8.98 -9.16
N ALA A 179 10.78 8.20 -8.16
CA ALA A 179 11.32 6.85 -8.05
C ALA A 179 10.94 5.92 -9.16
N ILE A 180 9.67 5.93 -9.56
CA ILE A 180 9.22 5.10 -10.68
C ILE A 180 10.01 5.43 -11.96
N ASP A 181 10.23 6.72 -12.14
CA ASP A 181 10.79 7.22 -13.36
C ASP A 181 12.24 6.79 -13.51
N ALA A 182 12.88 6.43 -12.40
CA ALA A 182 14.21 5.80 -12.43
C ALA A 182 14.27 4.31 -12.67
N VAL A 183 13.17 3.61 -12.65
CA VAL A 183 13.19 2.20 -12.71
C VAL A 183 13.46 1.71 -14.14
N LYS A 184 14.46 0.86 -14.27
CA LYS A 184 14.78 0.20 -15.55
C LYS A 184 15.91 -0.79 -15.26
N PRO A 185 16.15 -1.76 -16.16
CA PRO A 185 17.26 -2.73 -15.88
C PRO A 185 18.57 -2.08 -15.52
N GLY A 186 19.23 -2.60 -14.50
CA GLY A 186 20.59 -2.20 -14.17
C GLY A 186 20.68 -1.26 -13.01
N VAL A 187 19.52 -0.74 -12.57
CA VAL A 187 19.50 0.19 -11.46
C VAL A 187 19.37 -0.67 -10.20
N ARG A 188 20.06 -0.19 -9.19
CA ARG A 188 20.17 -0.86 -7.91
C ARG A 188 18.95 -0.49 -7.11
N TYR A 189 18.37 -1.50 -6.46
CA TYR A 189 17.11 -1.29 -5.73
C TYR A 189 17.40 -0.26 -4.68
N ARG A 190 18.62 -0.21 -4.14
CA ARG A 190 18.90 0.80 -3.09
C ARG A 190 18.93 2.21 -3.53
N GLU A 191 18.98 2.48 -4.82
CA GLU A 191 19.05 3.88 -5.26
C GLU A 191 17.71 4.64 -5.14
N LEU A 192 16.60 3.89 -5.17
CA LEU A 192 15.26 4.52 -5.12
C LEU A 192 15.12 5.39 -3.89
N GLY A 193 15.60 4.89 -2.74
CA GLY A 193 15.56 5.66 -1.46
C GLY A 193 16.32 6.98 -1.47
N ASN A 194 17.47 7.01 -2.15
CA ASN A 194 18.15 8.27 -2.39
C ASN A 194 17.31 9.29 -3.09
N ILE A 195 16.64 8.84 -4.15
CA ILE A 195 15.76 9.75 -4.90
C ILE A 195 14.58 10.25 -4.06
N ILE A 196 13.91 9.29 -3.38
CA ILE A 196 12.77 9.67 -2.49
C ILE A 196 13.15 10.68 -1.40
N GLN A 197 14.19 10.39 -0.65
CA GLN A 197 14.55 11.26 0.48
C GLN A 197 14.99 12.64 -0.02
N LYS A 198 15.66 12.66 -1.16
CA LYS A 198 16.19 13.95 -1.69
C LYS A 198 15.02 14.88 -1.93
N HIS A 199 13.96 14.35 -2.53
CA HIS A 199 12.79 15.17 -2.73
C HIS A 199 11.99 15.49 -1.46
N ALA A 200 11.81 14.50 -0.56
CA ALA A 200 11.07 14.76 0.68
C ALA A 200 11.77 15.86 1.54
N GLN A 201 13.07 15.71 1.66
CA GLN A 201 13.91 16.60 2.47
C GLN A 201 13.86 18.03 1.91
N ALA A 202 14.06 18.15 0.60
CA ALA A 202 13.91 19.48 -0.06
C ALA A 202 12.64 20.18 0.30
N ASN A 203 11.65 19.43 0.73
CA ASN A 203 10.34 20.02 1.01
C ASN A 203 10.01 20.02 2.49
N GLY A 204 10.98 19.67 3.32
CA GLY A 204 10.82 19.81 4.76
C GLY A 204 10.14 18.60 5.43
N PHE A 205 10.15 17.45 4.75
CA PHE A 205 9.51 16.19 5.25
C PHE A 205 10.52 15.09 5.49
N SER A 206 10.19 14.18 6.40
CA SER A 206 10.97 13.00 6.70
C SER A 206 10.37 11.73 6.08
N VAL A 207 11.19 10.69 6.01
CA VAL A 207 10.87 9.43 5.34
C VAL A 207 10.87 8.27 6.36
N VAL A 208 9.73 7.59 6.44
CA VAL A 208 9.63 6.45 7.26
C VAL A 208 10.61 5.39 6.89
N ARG A 209 11.17 4.77 7.91
CA ARG A 209 12.24 3.78 7.75
C ARG A 209 11.85 2.39 8.00
N SER A 210 10.80 2.17 8.78
CA SER A 210 10.49 0.81 9.20
C SER A 210 9.68 0.03 8.18
N TYR A 211 9.10 0.69 7.19
CA TYR A 211 8.34 -0.03 6.22
C TYR A 211 8.93 0.23 4.84
N CYS A 212 8.92 -0.81 4.01
CA CYS A 212 9.57 -0.82 2.73
C CYS A 212 8.66 -1.32 1.62
N GLY A 213 9.00 -0.89 0.40
CA GLY A 213 8.42 -1.57 -0.78
C GLY A 213 8.94 -3.01 -0.85
N HIS A 214 8.37 -3.83 -1.75
CA HIS A 214 8.65 -5.26 -1.72
C HIS A 214 8.31 -5.98 -3.01
N GLY A 215 8.95 -7.09 -3.27
CA GLY A 215 8.49 -7.98 -4.28
C GLY A 215 7.11 -8.48 -4.01
N ILE A 216 6.41 -8.73 -5.10
CA ILE A 216 5.09 -9.21 -5.09
C ILE A 216 4.80 -9.97 -6.36
N HIS A 217 4.18 -11.15 -6.21
CA HIS A 217 3.67 -11.94 -7.33
C HIS A 217 2.85 -13.10 -6.79
N LYS A 218 3.37 -14.34 -6.80
CA LYS A 218 2.73 -15.46 -6.10
C LYS A 218 2.78 -15.35 -4.61
N LEU A 219 3.69 -14.53 -4.10
CA LEU A 219 3.76 -14.19 -2.71
C LEU A 219 3.33 -12.70 -2.58
N PHE A 220 2.68 -12.38 -1.48
CA PHE A 220 2.26 -10.95 -1.20
C PHE A 220 3.48 -10.10 -0.91
N HIS A 221 4.40 -10.59 -0.05
CA HIS A 221 5.65 -9.90 0.23
C HIS A 221 6.83 -10.88 0.07
N THR A 222 7.77 -10.50 -0.78
CA THR A 222 9.01 -11.32 -0.96
C THR A 222 10.09 -10.37 -1.47
N ALA A 223 11.23 -10.96 -1.87
CA ALA A 223 12.37 -10.26 -2.34
C ALA A 223 12.00 -9.51 -3.63
N PRO A 224 12.48 -8.27 -3.78
CA PRO A 224 13.38 -7.47 -2.97
C PRO A 224 12.73 -6.60 -1.91
N ASN A 225 13.46 -6.34 -0.84
CA ASN A 225 13.10 -5.28 0.14
C ASN A 225 13.52 -3.96 -0.44
N VAL A 226 12.62 -2.98 -0.48
CA VAL A 226 12.97 -1.70 -1.11
C VAL A 226 12.71 -0.55 -0.17
N PRO A 227 13.74 -0.12 0.60
CA PRO A 227 13.63 1.03 1.51
C PRO A 227 13.43 2.32 0.75
N HIS A 228 12.83 3.30 1.40
CA HIS A 228 12.48 4.54 0.73
C HIS A 228 13.43 5.69 1.19
N TYR A 229 14.36 5.39 2.09
CA TYR A 229 15.25 6.47 2.63
C TYR A 229 16.67 6.39 2.00
N ALA A 230 17.45 7.48 2.12
CA ALA A 230 18.79 7.55 1.50
C ALA A 230 19.77 6.59 2.17
N LYS A 231 20.69 6.09 1.37
CA LYS A 231 21.80 5.27 1.83
C LYS A 231 21.31 4.15 2.67
N ASN A 232 20.65 3.21 2.02
CA ASN A 232 20.15 2.06 2.69
C ASN A 232 20.93 0.91 2.08
N LYS A 233 20.76 -0.30 2.56
CA LYS A 233 21.63 -1.37 2.07
C LYS A 233 20.87 -2.44 1.33
N ALA A 234 19.77 -2.05 0.66
CA ALA A 234 18.99 -3.01 -0.11
C ALA A 234 19.93 -3.73 -1.04
N VAL A 235 19.57 -4.95 -1.35
CA VAL A 235 20.33 -5.88 -2.09
C VAL A 235 19.65 -6.12 -3.42
N GLY A 236 20.37 -5.92 -4.52
CA GLY A 236 19.83 -6.41 -5.79
C GLY A 236 19.81 -5.35 -6.85
N VAL A 237 19.70 -5.84 -8.06
CA VAL A 237 19.76 -5.02 -9.21
C VAL A 237 18.59 -5.35 -10.07
N MET A 238 17.94 -4.28 -10.54
CA MET A 238 16.80 -4.47 -11.36
C MET A 238 17.12 -5.14 -12.65
N LYS A 239 16.26 -6.08 -13.04
CA LYS A 239 16.32 -6.79 -14.31
C LYS A 239 14.92 -6.96 -14.88
N SER A 240 14.87 -6.98 -16.22
CA SER A 240 13.66 -7.15 -16.94
C SER A 240 12.92 -8.41 -16.44
N GLY A 241 11.65 -8.27 -16.08
CA GLY A 241 10.92 -9.41 -15.52
C GLY A 241 10.81 -9.42 -13.96
N HIS A 242 11.48 -8.48 -13.30
CA HIS A 242 11.26 -8.27 -11.89
C HIS A 242 9.93 -7.51 -11.63
N VAL A 243 9.21 -7.87 -10.55
CA VAL A 243 7.97 -7.14 -10.13
C VAL A 243 8.06 -6.84 -8.65
N PHE A 244 7.85 -5.56 -8.36
CA PHE A 244 7.98 -5.10 -6.99
C PHE A 244 7.12 -3.87 -6.75
N THR A 245 6.96 -3.48 -5.50
CA THR A 245 6.27 -2.15 -5.21
C THR A 245 7.23 -1.09 -4.75
N ILE A 246 6.89 0.19 -4.98
CA ILE A 246 7.47 1.30 -4.34
C ILE A 246 6.31 2.00 -3.62
N GLU A 247 6.46 2.29 -2.32
CA GLU A 247 5.37 2.84 -1.51
C GLU A 247 5.81 3.79 -0.42
N PRO A 248 6.37 4.92 -0.82
CA PRO A 248 6.98 5.80 0.18
C PRO A 248 5.95 6.39 1.14
N MET A 249 6.28 6.37 2.42
CA MET A 249 5.58 7.08 3.46
C MET A 249 6.47 8.27 3.91
N ILE A 250 5.87 9.43 3.82
CA ILE A 250 6.53 10.75 4.07
C ILE A 250 5.79 11.41 5.17
N CYS A 251 6.49 12.18 6.04
CA CYS A 251 5.86 12.74 7.23
C CYS A 251 6.19 14.21 7.43
N GLU A 252 5.23 14.91 8.01
CA GLU A 252 5.30 16.31 8.41
C GLU A 252 6.37 16.58 9.43
N GLY A 253 6.48 15.71 10.42
CA GLY A 253 7.34 15.85 11.56
C GLY A 253 8.46 14.94 11.35
N GLY A 254 8.77 14.15 12.37
CA GLY A 254 9.84 13.17 12.31
C GLY A 254 9.40 11.85 11.69
N TRP A 255 10.40 11.00 11.48
CA TRP A 255 10.23 9.77 10.71
C TRP A 255 9.84 8.61 11.59
N GLN A 256 9.99 8.75 12.90
CA GLN A 256 9.87 7.55 13.78
C GLN A 256 8.38 7.03 13.83
N ASP A 257 8.23 5.75 13.98
CA ASP A 257 6.94 5.14 13.92
C ASP A 257 6.79 4.29 15.14
N GLU A 258 5.55 4.10 15.58
CA GLU A 258 5.27 3.04 16.54
C GLU A 258 3.97 2.38 16.17
N THR A 259 3.72 1.24 16.81
CA THR A 259 2.52 0.44 16.49
C THR A 259 1.49 0.50 17.63
N TRP A 260 0.23 0.64 17.31
CA TRP A 260 -0.83 0.57 18.30
C TRP A 260 -0.95 -0.82 18.90
N PRO A 261 -1.69 -0.93 20.01
CA PRO A 261 -1.79 -2.25 20.66
C PRO A 261 -2.56 -3.28 19.81
N ASP A 262 -3.25 -2.83 18.76
CA ASP A 262 -3.84 -3.77 17.84
C ASP A 262 -2.81 -4.55 17.05
N GLY A 263 -1.53 -4.19 17.10
CA GLY A 263 -0.47 -4.99 16.43
C GLY A 263 -0.24 -4.63 14.96
N TRP A 264 -1.08 -3.75 14.40
CA TRP A 264 -1.02 -3.35 13.03
C TRP A 264 -0.82 -1.81 12.80
N THR A 265 -1.59 -0.98 13.47
CA THR A 265 -1.75 0.39 13.08
C THR A 265 -0.41 1.07 13.40
N ALA A 266 0.29 1.56 12.35
CA ALA A 266 1.58 2.23 12.46
C ALA A 266 1.35 3.71 12.48
N VAL A 267 1.86 4.42 13.52
CA VAL A 267 1.62 5.85 13.61
C VAL A 267 2.91 6.62 13.79
N THR A 268 2.91 7.87 13.36
CA THR A 268 4.04 8.77 13.73
C THR A 268 4.15 8.80 15.29
N ARG A 269 5.34 8.57 15.82
CA ARG A 269 5.57 8.84 17.27
C ARG A 269 5.23 10.26 17.71
N ASP A 270 5.42 11.25 16.82
CA ASP A 270 5.10 12.66 17.15
C ASP A 270 3.69 13.08 16.87
N GLY A 271 2.88 12.19 16.26
CA GLY A 271 1.49 12.48 16.04
C GLY A 271 1.17 13.44 14.93
N LYS A 272 2.15 13.75 14.09
CA LYS A 272 1.92 14.57 12.92
C LYS A 272 1.60 13.66 11.69
N ARG A 273 1.17 14.30 10.60
CA ARG A 273 0.57 13.52 9.49
C ARG A 273 1.60 12.84 8.61
N SER A 274 1.14 11.76 7.95
CA SER A 274 2.00 11.01 7.02
C SER A 274 1.09 10.60 5.85
N ALA A 275 1.67 10.60 4.68
CA ALA A 275 1.04 10.22 3.46
C ALA A 275 1.86 9.20 2.73
N GLN A 276 1.16 8.47 1.87
CA GLN A 276 1.76 7.36 1.12
C GLN A 276 1.06 7.17 -0.24
N PHE A 277 1.81 6.74 -1.24
CA PHE A 277 1.27 6.23 -2.48
C PHE A 277 2.03 4.96 -2.82
N GLU A 278 1.37 4.04 -3.56
CA GLU A 278 2.03 2.77 -3.86
C GLU A 278 1.56 2.33 -5.25
N HIS A 279 2.49 1.81 -6.05
CA HIS A 279 2.20 1.09 -7.25
C HIS A 279 2.99 -0.25 -7.27
N THR A 280 2.49 -1.23 -8.03
CA THR A 280 3.20 -2.48 -8.31
C THR A 280 3.80 -2.24 -9.71
N LEU A 281 5.10 -2.53 -9.85
CA LEU A 281 5.81 -2.22 -11.06
C LEU A 281 6.39 -3.50 -11.65
N LEU A 282 6.41 -3.57 -12.96
CA LEU A 282 7.12 -4.64 -13.70
C LEU A 282 8.29 -4.01 -14.47
N VAL A 283 9.51 -4.52 -14.23
CA VAL A 283 10.69 -4.00 -14.94
C VAL A 283 10.65 -4.61 -16.35
N THR A 284 10.79 -3.77 -17.36
CA THR A 284 10.68 -4.18 -18.76
C THR A 284 12.08 -4.05 -19.35
N ASP A 285 12.23 -4.31 -20.64
CA ASP A 285 13.56 -4.19 -21.24
C ASP A 285 14.06 -2.79 -21.19
N THR A 286 13.15 -1.84 -21.25
CA THR A 286 13.48 -0.46 -21.47
C THR A 286 13.30 0.44 -20.23
N GLY A 287 12.48 0.01 -19.27
CA GLY A 287 12.07 0.90 -18.19
C GLY A 287 11.13 0.15 -17.29
N CYS A 288 9.93 0.62 -17.13
CA CYS A 288 8.97 -0.14 -16.30
C CYS A 288 7.53 0.06 -16.66
N GLU A 289 6.73 -0.96 -16.42
CA GLU A 289 5.30 -0.91 -16.66
C GLU A 289 4.61 -0.71 -15.31
N ILE A 290 3.74 0.28 -15.19
CA ILE A 290 3.03 0.50 -13.90
C ILE A 290 1.77 -0.29 -13.97
N LEU A 291 1.79 -1.46 -13.33
CA LEU A 291 0.73 -2.43 -13.50
C LEU A 291 -0.55 -1.96 -12.89
N THR A 292 -0.40 -1.10 -11.87
CA THR A 292 -1.57 -0.64 -11.08
C THR A 292 -1.98 0.81 -11.48
N ARG A 293 -1.47 1.27 -12.60
CA ARG A 293 -1.83 2.58 -13.13
C ARG A 293 -3.33 2.80 -13.28
N ARG A 294 -3.74 4.01 -12.98
CA ARG A 294 -5.10 4.47 -13.33
C ARG A 294 -5.19 4.46 -14.85
N LEU A 295 -6.26 3.88 -15.40
CA LEU A 295 -6.45 3.80 -16.88
C LEU A 295 -7.30 4.97 -17.48
N ASP A 296 -8.28 5.46 -16.73
CA ASP A 296 -9.23 6.45 -17.23
C ASP A 296 -8.81 7.90 -16.85
N SER A 297 -7.62 8.07 -16.32
CA SER A 297 -7.11 9.41 -16.01
C SER A 297 -5.60 9.33 -15.85
N ALA A 298 -4.93 10.37 -16.32
CA ALA A 298 -3.49 10.51 -16.21
C ALA A 298 -3.06 10.74 -14.78
N ARG A 299 -3.99 11.07 -13.89
CA ARG A 299 -3.62 11.58 -12.52
C ARG A 299 -4.23 10.82 -11.35
N PRO A 300 -3.60 10.87 -10.18
CA PRO A 300 -4.29 10.29 -9.01
C PRO A 300 -5.52 11.11 -8.55
N HIS A 301 -6.29 10.49 -7.69
CA HIS A 301 -7.59 11.00 -7.35
C HIS A 301 -7.51 12.32 -6.61
N PHE A 302 -6.48 12.50 -5.81
CA PHE A 302 -6.36 13.71 -5.05
C PHE A 302 -6.22 15.01 -5.95
N MET A 303 -5.84 14.87 -7.20
CA MET A 303 -5.69 16.05 -8.08
C MET A 303 -7.00 16.42 -8.80
N SER A 304 -8.04 15.66 -8.57
CA SER A 304 -9.06 15.59 -9.59
C SER A 304 -10.26 15.30 -8.78
CO CO B . 2.72 -3.14 -0.65
CO CO C . -0.18 -2.03 -0.23
C1 GOL D . -7.20 4.36 11.33
O1 GOL D . -6.74 5.02 10.10
C2 GOL D . -8.71 4.07 11.22
O2 GOL D . -9.02 3.16 10.15
C3 GOL D . -9.50 5.39 11.01
O3 GOL D . -10.92 5.21 10.87
O2 Q08 E . 2.47 -4.12 1.46
P Q08 E . 1.71 -3.07 2.12
O Q08 E . 2.39 -2.28 3.33
O1 Q08 E . 1.59 -2.07 0.92
C7 Q08 E . -0.06 -3.46 2.43
N Q08 E . -0.79 -3.65 1.06
C3 Q08 E . -0.14 -4.43 3.68
C4 Q08 E . -1.50 -5.14 3.90
C5 Q08 E . -1.51 -6.01 5.13
C6 Q08 E . -2.84 -6.16 5.84
C2 Q08 E . 1.03 -5.43 3.97
C1 Q08 E . 1.20 -6.14 5.36
C Q08 E . 2.62 -6.48 5.91
#